data_7T29
#
_entry.id   7T29
#
_cell.length_a   70.870
_cell.length_b   73.150
_cell.length_c   177.790
_cell.angle_alpha   90.000
_cell.angle_beta   90.000
_cell.angle_gamma   90.000
#
_symmetry.space_group_name_H-M   'I 2 2 2'
#
loop_
_entity.id
_entity.type
_entity.pdbx_description
1 polymer 'Adenylosuccinate lyase'
2 non-polymer 'ADENOSINE MONOPHOSPHATE'
3 non-polymer 1,2-ETHANEDIOL
4 water water
#
_entity_poly.entity_id   1
_entity_poly.type   'polypeptide(L)'
_entity_poly.pdbx_seq_one_letter_code
;MAHHHHHHMQLSSLTAVSPVDGRYAGKTSSLRPIFSEYGLIRFRVMVEVRWLQRLAAHAGIPEVAPFSAEANALLDSLAS
DFQLEHAERIKEIERTTNHDVKAVEYLLKEQAAKLPELAAVSEFIHFACTSEDINNLSHALMLREGRDSVLLPLMRQIAE
AIRELAVKLADVPMLSRTHGQPASPTTLGKELANVVYRLERQIKQVAGIELLGKINGAVGNYNAHLSAYPEVDWEANARQ
FIEGDLGLTFNPYTTQIEPHDYIAELFDAIARFNTILIDFDRDVWGYISLGYFKQKTVAGEIGSSTMPHKVNPIDFENSE
GNLGIANALFQHLASKLPISRWQRDLTDSTVLRNLGVGIAHSIIAYEASLKGIGKLELNAQRIAEDLDACWEVLAEPVQT
VMRRYGVENPYEKLKELTRGKGISAEALQTFIEELAIPAEAKVELKKLTPAGYVGNAAAQAKRI
;
_entity_poly.pdbx_strand_id   A
#
# COMPACT_ATOMS: atom_id res chain seq x y z
N HIS A 3 35.02 21.97 -7.15
CA HIS A 3 34.93 21.78 -5.70
C HIS A 3 34.25 23.00 -5.08
N HIS A 4 33.00 22.78 -4.65
CA HIS A 4 32.26 23.72 -3.84
C HIS A 4 32.11 23.14 -2.43
N HIS A 5 33.22 23.12 -1.69
CA HIS A 5 33.21 22.46 -0.39
C HIS A 5 32.30 23.19 0.60
N HIS A 6 31.86 22.44 1.62
CA HIS A 6 30.86 22.93 2.54
C HIS A 6 31.08 22.35 3.92
N HIS A 7 30.87 23.16 4.95
CA HIS A 7 31.00 22.64 6.32
C HIS A 7 29.94 21.58 6.62
N HIS A 8 30.23 20.79 7.63
CA HIS A 8 29.31 19.77 8.12
C HIS A 8 28.00 20.40 8.58
N MET A 9 26.89 19.74 8.28
CA MET A 9 25.56 20.20 8.65
C MET A 9 24.89 19.17 9.53
N GLN A 10 24.26 19.64 10.62
CA GLN A 10 23.41 18.79 11.42
C GLN A 10 22.15 18.37 10.64
N LEU A 11 21.57 17.25 11.05
CA LEU A 11 20.40 16.70 10.41
C LEU A 11 19.14 17.47 10.79
N SER A 12 18.40 17.90 9.76
CA SER A 12 17.04 18.44 9.87
C SER A 12 16.32 18.02 8.60
N SER A 13 15.02 18.32 8.50
CA SER A 13 14.31 18.00 7.25
CA SER A 13 14.35 17.96 7.25
C SER A 13 14.89 18.76 6.07
N LEU A 14 15.46 19.95 6.30
CA LEU A 14 16.10 20.67 5.20
C LEU A 14 17.36 19.96 4.73
N THR A 15 18.15 19.37 5.64
CA THR A 15 19.44 18.78 5.25
C THR A 15 19.41 17.27 5.07
N ALA A 16 18.28 16.61 5.30
CA ALA A 16 18.17 15.15 5.11
C ALA A 16 18.47 14.77 3.66
N VAL A 17 19.29 13.73 3.46
CA VAL A 17 19.61 13.29 2.10
C VAL A 17 18.42 12.66 1.42
N SER A 18 17.65 11.87 2.15
CA SER A 18 16.48 11.24 1.52
C SER A 18 15.29 12.16 1.65
N PRO A 19 14.49 12.31 0.59
CA PRO A 19 13.31 13.19 0.71
C PRO A 19 12.22 12.59 1.58
N VAL A 20 12.31 11.30 1.92
CA VAL A 20 11.37 10.73 2.88
C VAL A 20 11.40 11.48 4.21
N ASP A 21 12.62 11.81 4.70
CA ASP A 21 12.76 12.54 5.93
C ASP A 21 13.08 13.99 5.68
N GLY A 22 13.04 14.40 4.43
CA GLY A 22 13.41 15.73 3.99
C GLY A 22 12.20 16.53 3.53
N ARG A 23 12.09 16.80 2.23
CA ARG A 23 10.98 17.60 1.73
C ARG A 23 9.63 17.02 2.13
N TYR A 24 9.52 15.68 2.21
CA TYR A 24 8.24 15.04 2.49
C TYR A 24 8.10 14.58 3.94
N ALA A 25 8.93 15.12 4.86
CA ALA A 25 8.90 14.67 6.26
C ALA A 25 7.50 14.77 6.85
N GLY A 26 6.77 15.82 6.51
CA GLY A 26 5.41 16.00 7.01
C GLY A 26 4.45 14.90 6.58
N LYS A 27 4.68 14.29 5.43
CA LYS A 27 3.83 13.21 4.97
C LYS A 27 4.23 11.85 5.52
N THR A 28 5.44 11.71 6.04
CA THR A 28 5.95 10.40 6.45
C THR A 28 6.13 10.30 7.95
N SER A 29 5.87 11.37 8.69
CA SER A 29 6.18 11.39 10.12
C SER A 29 5.44 10.30 10.90
N SER A 30 4.25 9.86 10.44
CA SER A 30 3.55 8.76 11.11
C SER A 30 4.32 7.45 11.06
N LEU A 31 5.34 7.34 10.23
CA LEU A 31 6.14 6.12 10.15
C LEU A 31 7.31 6.16 11.11
N ARG A 32 7.60 7.31 11.70
CA ARG A 32 8.77 7.37 12.58
C ARG A 32 8.67 6.47 13.81
N PRO A 33 7.51 6.29 14.45
CA PRO A 33 7.47 5.35 15.57
C PRO A 33 7.52 3.90 15.17
N ILE A 34 7.59 3.61 13.86
CA ILE A 34 7.34 2.25 13.37
C ILE A 34 8.59 1.70 12.66
N PHE A 35 9.10 2.41 11.63
CA PHE A 35 10.09 1.80 10.73
C PHE A 35 11.50 2.33 10.89
N SER A 36 11.67 3.40 11.64
CA SER A 36 12.97 3.98 11.93
C SER A 36 13.76 3.06 12.86
N GLU A 37 15.01 3.42 13.14
CA GLU A 37 15.74 2.63 14.15
C GLU A 37 15.07 2.70 15.52
N TYR A 38 14.51 3.84 15.89
CA TYR A 38 13.71 3.95 17.09
C TYR A 38 12.58 2.93 17.07
N GLY A 39 11.86 2.85 15.96
CA GLY A 39 10.74 1.92 15.88
C GLY A 39 11.19 0.48 16.01
N LEU A 40 12.25 0.12 15.31
CA LEU A 40 12.83 -1.22 15.43
C LEU A 40 13.19 -1.51 16.89
N ILE A 41 13.89 -0.58 17.55
CA ILE A 41 14.24 -0.75 18.97
C ILE A 41 13.00 -0.89 19.84
N ARG A 42 12.01 -0.02 19.60
CA ARG A 42 10.76 -0.06 20.36
C ARG A 42 10.13 -1.45 20.30
N PHE A 43 10.00 -1.98 19.09
CA PHE A 43 9.37 -3.29 18.95
C PHE A 43 10.25 -4.42 19.46
N ARG A 44 11.58 -4.31 19.33
CA ARG A 44 12.46 -5.31 19.94
C ARG A 44 12.24 -5.36 21.46
N VAL A 45 12.16 -4.19 22.09
CA VAL A 45 11.91 -4.14 23.54
C VAL A 45 10.56 -4.75 23.87
N MET A 46 9.53 -4.42 23.08
CA MET A 46 8.22 -5.03 23.27
C MET A 46 8.29 -6.54 23.21
N VAL A 47 8.94 -7.08 22.18
CA VAL A 47 8.97 -8.51 22.05
C VAL A 47 9.73 -9.15 23.21
N GLU A 48 10.89 -8.58 23.59
CA GLU A 48 11.63 -9.12 24.75
C GLU A 48 10.77 -9.12 26.01
N VAL A 49 10.10 -8.01 26.28
CA VAL A 49 9.25 -7.93 27.46
C VAL A 49 8.16 -9.00 27.43
N ARG A 50 7.46 -9.11 26.29
CA ARG A 50 6.38 -10.09 26.24
C ARG A 50 6.92 -11.52 26.36
N TRP A 51 8.14 -11.78 25.85
CA TRP A 51 8.73 -13.09 26.02
C TRP A 51 8.97 -13.40 27.50
N LEU A 52 9.56 -12.44 28.21
CA LEU A 52 9.80 -12.65 29.64
C LEU A 52 8.49 -12.86 30.40
N GLN A 53 7.46 -12.08 30.06
CA GLN A 53 6.16 -12.27 30.70
C GLN A 53 5.55 -13.62 30.36
N ARG A 54 5.78 -14.11 29.14
CA ARG A 54 5.31 -15.46 28.80
C ARG A 54 6.00 -16.54 29.63
N LEU A 55 7.31 -16.38 29.86
CA LEU A 55 8.03 -17.33 30.70
C LEU A 55 7.56 -17.29 32.16
N ALA A 56 7.28 -16.08 32.66
CA ALA A 56 6.77 -15.95 34.02
C ALA A 56 5.44 -16.68 34.17
N ALA A 57 4.59 -16.57 33.18
CA ALA A 57 3.30 -17.26 33.24
C ALA A 57 3.40 -18.75 32.96
N HIS A 58 4.52 -19.21 32.41
CA HIS A 58 4.62 -20.60 31.98
C HIS A 58 4.92 -21.47 33.19
N ALA A 59 4.01 -22.41 33.49
CA ALA A 59 4.20 -23.30 34.63
C ALA A 59 5.39 -24.23 34.48
N GLY A 60 5.83 -24.50 33.28
CA GLY A 60 7.00 -25.32 32.99
C GLY A 60 8.30 -24.61 33.17
N ILE A 61 8.25 -23.32 33.49
CA ILE A 61 9.45 -22.52 33.73
C ILE A 61 9.34 -22.02 35.16
N PRO A 62 9.51 -22.88 36.16
CA PRO A 62 9.28 -22.45 37.53
C PRO A 62 10.23 -21.37 38.02
N GLU A 63 11.41 -21.27 37.43
CA GLU A 63 12.42 -20.32 37.86
C GLU A 63 11.99 -18.87 37.60
N VAL A 64 11.04 -18.63 36.70
CA VAL A 64 10.44 -17.31 36.52
C VAL A 64 9.03 -17.37 37.08
N ALA A 65 8.83 -16.84 38.29
CA ALA A 65 7.50 -16.93 38.87
C ALA A 65 6.61 -15.82 38.32
N PRO A 66 5.30 -16.04 38.27
CA PRO A 66 4.37 -14.98 37.87
C PRO A 66 4.68 -13.65 38.57
N PHE A 67 4.63 -12.59 37.79
CA PHE A 67 5.04 -11.30 38.30
C PHE A 67 3.96 -10.65 39.15
N SER A 68 4.44 -9.91 40.15
CA SER A 68 3.62 -8.96 40.87
C SER A 68 3.10 -7.89 39.92
N ALA A 69 2.03 -7.22 40.35
CA ALA A 69 1.50 -6.08 39.63
C ALA A 69 2.57 -5.01 39.43
N GLU A 70 3.39 -4.77 40.46
CA GLU A 70 4.43 -3.75 40.35
C GLU A 70 5.48 -4.12 39.30
N ALA A 71 5.88 -5.39 39.26
CA ALA A 71 6.83 -5.82 38.23
C ALA A 71 6.20 -5.75 36.85
N ASN A 72 4.94 -6.18 36.71
CA ASN A 72 4.24 -6.07 35.43
C ASN A 72 4.14 -4.63 34.96
N ALA A 73 3.91 -3.71 35.89
CA ALA A 73 3.74 -2.30 35.53
C ALA A 73 5.00 -1.75 34.91
N LEU A 74 6.15 -2.10 35.47
CA LEU A 74 7.43 -1.67 34.90
C LEU A 74 7.60 -2.25 33.50
N LEU A 75 7.40 -3.55 33.38
CA LEU A 75 7.56 -4.19 32.08
C LEU A 75 6.54 -3.67 31.08
N ASP A 76 5.28 -3.54 31.49
CA ASP A 76 4.26 -3.03 30.59
C ASP A 76 4.58 -1.62 30.12
N SER A 77 5.19 -0.80 30.97
CA SER A 77 5.57 0.54 30.53
CA SER A 77 5.58 0.54 30.55
C SER A 77 6.63 0.48 29.43
N LEU A 78 7.57 -0.47 29.52
CA LEU A 78 8.58 -0.61 28.47
C LEU A 78 7.96 -1.04 27.16
N ALA A 79 6.92 -1.88 27.22
CA ALA A 79 6.31 -2.50 26.04
C ALA A 79 5.20 -1.68 25.42
N SER A 80 4.66 -0.71 26.14
CA SER A 80 3.51 0.03 25.65
C SER A 80 3.61 1.53 25.85
N ASP A 81 4.64 2.04 26.54
CA ASP A 81 4.87 3.48 26.74
C ASP A 81 6.39 3.72 26.62
N PHE A 82 6.94 3.31 25.49
CA PHE A 82 8.39 3.27 25.34
C PHE A 82 8.96 4.68 25.30
N GLN A 83 10.13 4.84 25.90
CA GLN A 83 10.73 6.16 26.09
C GLN A 83 11.92 6.32 25.18
N LEU A 84 11.99 7.47 24.51
CA LEU A 84 13.13 7.74 23.64
C LEU A 84 14.46 7.62 24.38
N GLU A 85 14.49 8.01 25.66
CA GLU A 85 15.72 7.90 26.45
C GLU A 85 16.26 6.48 26.48
N HIS A 86 15.40 5.45 26.40
CA HIS A 86 15.90 4.09 26.41
C HIS A 86 16.53 3.75 25.07
N ALA A 87 15.92 4.21 23.97
CA ALA A 87 16.54 4.01 22.66
C ALA A 87 17.87 4.73 22.57
N GLU A 88 17.97 5.92 23.16
CA GLU A 88 19.25 6.61 23.19
C GLU A 88 20.28 5.81 24.01
N ARG A 89 19.87 5.26 25.15
CA ARG A 89 20.79 4.44 25.93
C ARG A 89 21.23 3.20 25.16
N ILE A 90 20.30 2.56 24.43
CA ILE A 90 20.65 1.40 23.62
C ILE A 90 21.68 1.76 22.56
N LYS A 91 21.53 2.92 21.91
CA LYS A 91 22.55 3.36 20.96
C LYS A 91 23.90 3.58 21.63
N GLU A 92 23.91 4.07 22.88
CA GLU A 92 25.17 4.25 23.62
CA GLU A 92 25.17 4.24 23.59
C GLU A 92 25.81 2.89 23.90
N ILE A 93 25.01 1.94 24.37
CA ILE A 93 25.56 0.61 24.65
C ILE A 93 26.10 -0.02 23.40
N GLU A 94 25.40 0.18 22.27
CA GLU A 94 25.80 -0.40 21.00
C GLU A 94 27.16 0.12 20.55
N ARG A 95 27.57 1.34 20.97
CA ARG A 95 28.90 1.82 20.63
C ARG A 95 29.98 0.90 21.20
N THR A 96 29.68 0.19 22.28
CA THR A 96 30.59 -0.84 22.81
C THR A 96 30.34 -2.20 22.15
N THR A 97 29.09 -2.69 22.17
CA THR A 97 28.83 -4.06 21.74
C THR A 97 28.99 -4.24 20.25
N ASN A 98 28.78 -3.19 19.43
CA ASN A 98 28.60 -3.34 17.99
C ASN A 98 27.61 -4.44 17.70
N HIS A 99 26.58 -4.54 18.54
CA HIS A 99 25.55 -5.54 18.35
C HIS A 99 24.24 -4.96 18.85
N ASP A 100 23.32 -4.66 17.94
CA ASP A 100 22.15 -3.86 18.33
C ASP A 100 21.17 -4.65 19.23
N VAL A 101 20.89 -5.91 18.94
CA VAL A 101 19.98 -6.63 19.83
C VAL A 101 20.63 -6.91 21.20
N LYS A 102 21.95 -7.16 21.23
CA LYS A 102 22.60 -7.32 22.52
C LYS A 102 22.49 -6.04 23.35
N ALA A 103 22.52 -4.88 22.68
CA ALA A 103 22.33 -3.62 23.41
C ALA A 103 20.93 -3.51 24.01
N VAL A 104 19.89 -3.97 23.29
CA VAL A 104 18.56 -4.07 23.88
C VAL A 104 18.58 -4.93 25.12
N GLU A 105 19.22 -6.10 25.05
CA GLU A 105 19.33 -6.98 26.21
C GLU A 105 19.93 -6.27 27.40
N TYR A 106 21.02 -5.53 27.17
CA TYR A 106 21.71 -4.87 28.26
C TYR A 106 20.85 -3.76 28.83
N LEU A 107 20.14 -3.02 27.98
CA LEU A 107 19.20 -2.01 28.48
C LEU A 107 18.15 -2.66 29.38
N LEU A 108 17.58 -3.78 28.93
CA LEU A 108 16.56 -4.43 29.74
C LEU A 108 17.15 -4.94 31.05
N LYS A 109 18.39 -5.43 31.04
CA LYS A 109 18.99 -5.85 32.31
C LYS A 109 19.19 -4.67 33.25
N GLU A 110 19.53 -3.48 32.71
CA GLU A 110 19.67 -2.28 33.53
C GLU A 110 18.35 -1.86 34.16
N GLN A 111 17.25 -1.97 33.40
CA GLN A 111 15.94 -1.64 33.95
C GLN A 111 15.50 -2.68 34.96
N ALA A 112 15.80 -3.95 34.69
CA ALA A 112 15.43 -5.02 35.63
C ALA A 112 16.19 -4.88 36.94
N ALA A 113 17.46 -4.44 36.88
CA ALA A 113 18.23 -4.27 38.12
C ALA A 113 17.55 -3.36 39.13
N LYS A 114 16.66 -2.46 38.68
CA LYS A 114 16.07 -1.48 39.60
C LYS A 114 14.99 -2.04 40.52
N LEU A 115 14.46 -3.24 40.26
CA LEU A 115 13.45 -3.85 41.11
C LEU A 115 13.91 -5.27 41.46
N PRO A 116 14.03 -5.62 42.74
CA PRO A 116 14.62 -6.92 43.08
CA PRO A 116 14.63 -6.92 43.06
C PRO A 116 13.91 -8.10 42.44
N GLU A 117 12.59 -8.03 42.32
CA GLU A 117 11.84 -9.14 41.72
C GLU A 117 12.29 -9.37 40.28
N LEU A 118 12.60 -8.29 39.57
CA LEU A 118 13.05 -8.43 38.18
C LEU A 118 14.54 -8.77 38.09
N ALA A 119 15.36 -8.18 38.99
CA ALA A 119 16.77 -8.53 39.03
C ALA A 119 16.97 -10.02 39.20
N ALA A 120 16.14 -10.67 40.03
CA ALA A 120 16.27 -12.09 40.29
C ALA A 120 16.06 -12.96 39.04
N VAL A 121 15.41 -12.43 38.00
CA VAL A 121 15.22 -13.21 36.78
C VAL A 121 15.87 -12.55 35.57
N SER A 122 16.89 -11.72 35.80
CA SER A 122 17.51 -10.96 34.71
CA SER A 122 17.48 -10.97 34.70
C SER A 122 18.17 -11.88 33.69
N GLU A 123 18.68 -13.02 34.12
CA GLU A 123 19.29 -13.93 33.16
C GLU A 123 18.27 -14.67 32.33
N PHE A 124 16.97 -14.47 32.60
CA PHE A 124 15.96 -15.00 31.69
C PHE A 124 15.49 -13.99 30.66
N ILE A 125 15.96 -12.75 30.73
CA ILE A 125 15.76 -11.86 29.58
C ILE A 125 16.44 -12.50 28.38
N HIS A 126 15.70 -12.61 27.27
CA HIS A 126 16.19 -13.20 26.04
C HIS A 126 16.45 -14.71 26.20
N PHE A 127 15.81 -15.37 27.18
CA PHE A 127 16.18 -16.76 27.48
C PHE A 127 16.06 -17.65 26.25
N ALA A 128 17.15 -18.34 25.93
CA ALA A 128 17.29 -19.27 24.81
C ALA A 128 17.07 -18.65 23.44
N CYS A 129 16.93 -17.34 23.35
CA CYS A 129 16.64 -16.69 22.06
C CYS A 129 17.90 -16.47 21.25
N THR A 130 17.72 -16.41 19.94
CA THR A 130 18.71 -15.77 19.08
C THR A 130 18.18 -14.38 18.71
N SER A 131 19.09 -13.53 18.24
CA SER A 131 18.69 -12.15 17.92
C SER A 131 17.54 -12.10 16.92
N GLU A 132 17.56 -12.99 15.92
CA GLU A 132 16.50 -13.00 14.91
C GLU A 132 15.15 -13.43 15.46
N ASP A 133 15.09 -14.12 16.60
CA ASP A 133 13.80 -14.38 17.22
C ASP A 133 13.14 -13.05 17.57
N ILE A 134 13.95 -12.10 18.03
CA ILE A 134 13.44 -10.76 18.36
C ILE A 134 13.23 -9.93 17.10
N ASN A 135 14.19 -9.99 16.18
CA ASN A 135 14.05 -9.18 14.97
C ASN A 135 12.83 -9.57 14.14
N ASN A 136 12.60 -10.86 13.88
CA ASN A 136 11.55 -11.19 12.92
C ASN A 136 10.19 -10.82 13.47
N LEU A 137 9.99 -11.02 14.77
CA LEU A 137 8.72 -10.62 15.37
C LEU A 137 8.57 -9.11 15.35
N SER A 138 9.68 -8.38 15.55
CA SER A 138 9.62 -6.92 15.45
C SER A 138 9.22 -6.49 14.04
N HIS A 139 9.85 -7.08 13.02
CA HIS A 139 9.51 -6.74 11.63
C HIS A 139 8.05 -7.00 11.32
N ALA A 140 7.50 -8.12 11.79
CA ALA A 140 6.09 -8.41 11.52
C ALA A 140 5.19 -7.42 12.23
N LEU A 141 5.51 -7.05 13.47
CA LEU A 141 4.70 -6.07 14.20
C LEU A 141 4.81 -4.70 13.57
N MET A 142 6.00 -4.35 13.06
CA MET A 142 6.18 -3.07 12.37
C MET A 142 5.35 -3.04 11.10
N LEU A 143 5.42 -4.10 10.32
CA LEU A 143 4.65 -4.15 9.08
C LEU A 143 3.17 -4.13 9.39
N ARG A 144 2.73 -4.87 10.45
CA ARG A 144 1.31 -4.84 10.78
C ARG A 144 0.85 -3.43 11.10
N GLU A 145 1.62 -2.70 11.92
CA GLU A 145 1.24 -1.35 12.32
C GLU A 145 1.24 -0.41 11.13
N GLY A 146 2.29 -0.46 10.33
CA GLY A 146 2.35 0.42 9.16
C GLY A 146 1.25 0.11 8.17
N ARG A 147 1.00 -1.18 7.92
CA ARG A 147 -0.07 -1.55 6.99
C ARG A 147 -1.44 -1.15 7.49
N ASP A 148 -1.76 -1.50 8.73
CA ASP A 148 -3.13 -1.37 9.20
C ASP A 148 -3.45 0.07 9.61
N SER A 149 -2.49 0.79 10.18
CA SER A 149 -2.77 2.11 10.75
CA SER A 149 -2.81 2.11 10.73
C SER A 149 -2.41 3.26 9.83
N VAL A 150 -1.58 3.04 8.80
CA VAL A 150 -1.12 4.14 7.96
C VAL A 150 -1.46 3.88 6.50
N LEU A 151 -1.02 2.75 5.95
CA LEU A 151 -1.15 2.47 4.52
C LEU A 151 -2.59 2.17 4.10
N LEU A 152 -3.23 1.17 4.72
CA LEU A 152 -4.56 0.79 4.28
C LEU A 152 -5.56 1.92 4.41
N PRO A 153 -5.55 2.73 5.47
CA PRO A 153 -6.51 3.84 5.50
C PRO A 153 -6.37 4.77 4.32
N LEU A 154 -5.14 5.09 3.91
CA LEU A 154 -4.98 5.95 2.75
C LEU A 154 -5.42 5.26 1.47
N MET A 155 -5.15 3.97 1.33
CA MET A 155 -5.62 3.25 0.14
C MET A 155 -7.12 3.31 0.03
N ARG A 156 -7.82 3.11 1.16
CA ARG A 156 -9.28 3.16 1.15
C ARG A 156 -9.78 4.56 0.91
N GLN A 157 -9.07 5.57 1.42
CA GLN A 157 -9.45 6.94 1.11
C GLN A 157 -9.40 7.20 -0.39
N ILE A 158 -8.39 6.68 -1.07
CA ILE A 158 -8.33 6.89 -2.53
C ILE A 158 -9.50 6.19 -3.20
N ALA A 159 -9.72 4.92 -2.87
CA ALA A 159 -10.83 4.20 -3.50
C ALA A 159 -12.14 4.94 -3.27
N GLU A 160 -12.39 5.41 -2.04
CA GLU A 160 -13.67 6.08 -1.79
C GLU A 160 -13.76 7.43 -2.49
N ALA A 161 -12.64 8.15 -2.60
CA ALA A 161 -12.70 9.45 -3.26
C ALA A 161 -12.98 9.28 -4.75
N ILE A 162 -12.36 8.28 -5.37
CA ILE A 162 -12.66 7.99 -6.77
C ILE A 162 -14.09 7.46 -6.92
N ARG A 163 -14.58 6.64 -5.97
CA ARG A 163 -15.97 6.18 -6.05
C ARG A 163 -16.95 7.36 -6.04
N GLU A 164 -16.72 8.34 -5.15
CA GLU A 164 -17.60 9.49 -5.09
C GLU A 164 -17.67 10.20 -6.43
N LEU A 165 -16.52 10.39 -7.08
CA LEU A 165 -16.53 11.02 -8.40
C LEU A 165 -17.16 10.13 -9.46
N ALA A 166 -16.91 8.81 -9.39
CA ALA A 166 -17.50 7.90 -10.36
C ALA A 166 -19.03 7.98 -10.34
N VAL A 167 -19.62 8.02 -9.15
CA VAL A 167 -21.06 8.10 -9.02
C VAL A 167 -21.54 9.49 -9.47
N LYS A 168 -20.83 10.54 -9.05
CA LYS A 168 -21.24 11.89 -9.44
C LYS A 168 -21.25 12.06 -10.96
N LEU A 169 -20.25 11.48 -11.63
CA LEU A 169 -20.05 11.65 -13.06
C LEU A 169 -20.57 10.46 -13.86
N ALA A 170 -21.39 9.62 -13.26
CA ALA A 170 -21.85 8.39 -13.91
C ALA A 170 -22.58 8.63 -15.21
N ASP A 171 -23.30 9.73 -15.34
CA ASP A 171 -24.14 10.00 -16.50
C ASP A 171 -23.48 10.90 -17.53
N VAL A 172 -22.24 11.32 -17.32
CA VAL A 172 -21.56 12.29 -18.16
C VAL A 172 -20.99 11.55 -19.38
N PRO A 173 -21.57 11.63 -20.56
CA PRO A 173 -21.02 10.90 -21.70
CA PRO A 173 -21.02 10.90 -21.70
C PRO A 173 -19.69 11.49 -22.12
N MET A 174 -18.83 10.61 -22.63
CA MET A 174 -17.48 11.00 -23.00
C MET A 174 -16.99 10.14 -24.15
N LEU A 175 -16.33 10.76 -25.14
CA LEU A 175 -15.63 9.97 -26.16
C LEU A 175 -14.57 9.08 -25.55
N SER A 176 -14.56 7.81 -25.97
CA SER A 176 -13.45 6.94 -25.60
C SER A 176 -12.30 7.14 -26.57
N ARG A 177 -11.09 6.78 -26.09
CA ARG A 177 -9.94 6.77 -26.97
C ARG A 177 -9.23 5.45 -26.80
N THR A 178 -9.08 4.75 -27.90
CA THR A 178 -8.28 3.54 -27.96
C THR A 178 -7.17 3.81 -28.96
N HIS A 179 -5.93 3.37 -28.61
CA HIS A 179 -4.73 3.78 -29.37
C HIS A 179 -4.66 5.31 -29.44
N GLY A 180 -5.31 6.01 -28.52
CA GLY A 180 -5.31 7.47 -28.59
C GLY A 180 -6.33 8.06 -29.53
N GLN A 181 -7.10 7.24 -30.24
CA GLN A 181 -8.01 7.63 -31.32
C GLN A 181 -9.47 7.44 -30.91
N PRO A 182 -10.39 8.20 -31.48
CA PRO A 182 -11.81 8.10 -31.07
C PRO A 182 -12.37 6.69 -31.18
N ALA A 183 -13.16 6.34 -30.18
CA ALA A 183 -13.79 5.03 -30.07
C ALA A 183 -15.16 5.23 -29.40
N SER A 184 -15.92 4.14 -29.34
CA SER A 184 -17.31 4.21 -28.89
C SER A 184 -17.42 4.89 -27.53
N PRO A 185 -18.43 5.73 -27.31
CA PRO A 185 -18.45 6.51 -26.06
C PRO A 185 -18.63 5.66 -24.81
N THR A 186 -18.26 6.30 -23.70
CA THR A 186 -18.44 5.76 -22.37
C THR A 186 -19.03 6.89 -21.52
N THR A 187 -18.99 6.75 -20.18
CA THR A 187 -19.17 7.93 -19.35
C THR A 187 -17.93 8.15 -18.50
N LEU A 188 -17.69 9.39 -18.13
CA LEU A 188 -16.52 9.69 -17.33
C LEU A 188 -16.59 8.95 -15.99
N GLY A 189 -17.81 8.82 -15.43
CA GLY A 189 -17.94 8.07 -14.18
C GLY A 189 -17.62 6.61 -14.34
N LYS A 190 -18.00 6.01 -15.47
CA LYS A 190 -17.63 4.61 -15.71
C LYS A 190 -16.13 4.43 -15.77
N GLU A 191 -15.42 5.36 -16.41
CA GLU A 191 -13.97 5.20 -16.50
C GLU A 191 -13.29 5.31 -15.13
N LEU A 192 -13.89 6.09 -14.22
CA LEU A 192 -13.40 6.17 -12.85
C LEU A 192 -13.80 4.94 -12.04
N ALA A 193 -15.03 4.44 -12.24
CA ALA A 193 -15.49 3.22 -11.57
C ALA A 193 -14.55 2.05 -11.86
N ASN A 194 -14.06 1.95 -13.10
CA ASN A 194 -13.16 0.85 -13.45
C ASN A 194 -11.97 0.84 -12.52
N VAL A 195 -11.46 2.03 -12.18
CA VAL A 195 -10.27 2.11 -11.32
C VAL A 195 -10.60 1.67 -9.90
N VAL A 196 -11.74 2.12 -9.37
CA VAL A 196 -12.16 1.72 -8.02
C VAL A 196 -12.16 0.22 -7.89
N TYR A 197 -12.76 -0.46 -8.88
CA TYR A 197 -12.88 -1.91 -8.80
C TYR A 197 -11.50 -2.58 -8.71
N ARG A 198 -10.55 -2.12 -9.53
CA ARG A 198 -9.19 -2.64 -9.52
C ARG A 198 -8.50 -2.36 -8.20
N LEU A 199 -8.56 -1.11 -7.71
CA LEU A 199 -7.90 -0.78 -6.46
C LEU A 199 -8.43 -1.61 -5.32
N GLU A 200 -9.75 -1.79 -5.26
CA GLU A 200 -10.29 -2.51 -4.11
C GLU A 200 -9.93 -3.97 -4.14
N ARG A 201 -9.74 -4.57 -5.32
CA ARG A 201 -9.24 -5.96 -5.33
C ARG A 201 -7.89 -6.02 -4.66
N GLN A 202 -6.99 -5.06 -4.97
CA GLN A 202 -5.66 -5.10 -4.36
C GLN A 202 -5.69 -4.73 -2.88
N ILE A 203 -6.59 -3.83 -2.46
CA ILE A 203 -6.72 -3.54 -1.02
C ILE A 203 -7.04 -4.82 -0.27
N LYS A 204 -7.97 -5.61 -0.78
CA LYS A 204 -8.34 -6.85 -0.12
C LYS A 204 -7.13 -7.79 -0.03
N GLN A 205 -6.35 -7.85 -1.11
CA GLN A 205 -5.16 -8.70 -1.08
C GLN A 205 -4.12 -8.19 -0.07
N VAL A 206 -3.87 -6.88 -0.05
CA VAL A 206 -2.94 -6.27 0.92
C VAL A 206 -3.37 -6.59 2.34
N ALA A 207 -4.65 -6.39 2.63
CA ALA A 207 -5.13 -6.61 3.99
C ALA A 207 -5.09 -8.08 4.38
N GLY A 208 -5.17 -8.97 3.40
CA GLY A 208 -5.27 -10.40 3.65
C GLY A 208 -3.94 -11.10 3.85
N ILE A 209 -2.81 -10.44 3.58
CA ILE A 209 -1.51 -11.11 3.68
C ILE A 209 -1.30 -11.50 5.15
N GLU A 210 -0.94 -12.77 5.40
CA GLU A 210 -0.61 -13.17 6.76
C GLU A 210 0.81 -12.73 7.07
N LEU A 211 0.99 -12.19 8.26
CA LEU A 211 2.28 -11.64 8.70
C LEU A 211 2.92 -12.67 9.62
N LEU A 212 3.99 -13.28 9.15
CA LEU A 212 4.51 -14.51 9.77
C LEU A 212 5.61 -14.20 10.77
N GLY A 213 5.61 -15.01 11.84
CA GLY A 213 6.62 -14.91 12.88
C GLY A 213 7.06 -16.28 13.34
N LYS A 214 8.26 -16.29 13.93
CA LYS A 214 8.83 -17.49 14.54
C LYS A 214 9.56 -17.11 15.82
N ILE A 215 9.77 -18.11 16.68
CA ILE A 215 10.66 -17.93 17.83
C ILE A 215 11.16 -19.33 18.18
N ASN A 216 12.40 -19.61 17.77
CA ASN A 216 12.86 -21.00 17.82
C ASN A 216 14.38 -21.09 17.92
N GLY A 217 15.06 -20.04 18.30
CA GLY A 217 16.48 -20.13 18.61
C GLY A 217 17.37 -20.00 17.37
N ALA A 218 18.65 -20.28 17.62
CA ALA A 218 19.74 -19.96 16.71
C ALA A 218 19.52 -20.39 15.27
N VAL A 219 18.98 -21.61 15.05
CA VAL A 219 18.92 -22.17 13.70
C VAL A 219 17.57 -22.77 13.36
N GLY A 220 16.55 -22.56 14.22
CA GLY A 220 15.19 -22.99 13.89
C GLY A 220 14.72 -24.23 14.64
N ASN A 221 15.54 -24.81 15.52
CA ASN A 221 15.29 -26.15 16.04
C ASN A 221 15.17 -26.18 17.55
N TYR A 222 15.11 -25.02 18.21
CA TYR A 222 14.89 -24.95 19.68
C TYR A 222 16.01 -25.68 20.44
N ASN A 223 17.24 -25.69 19.90
CA ASN A 223 18.28 -26.50 20.53
C ASN A 223 18.50 -26.08 21.96
N ALA A 224 18.68 -24.77 22.19
CA ALA A 224 19.07 -24.32 23.53
C ALA A 224 17.91 -24.50 24.50
N HIS A 225 16.70 -24.20 24.04
CA HIS A 225 15.50 -24.39 24.85
C HIS A 225 15.43 -25.82 25.40
N LEU A 226 15.61 -26.79 24.51
CA LEU A 226 15.50 -28.20 24.88
C LEU A 226 16.66 -28.66 25.72
N SER A 227 17.85 -28.07 25.57
CA SER A 227 18.95 -28.45 26.44
C SER A 227 18.69 -28.06 27.88
N ALA A 228 18.00 -26.96 28.12
CA ALA A 228 17.75 -26.50 29.49
C ALA A 228 16.42 -27.04 30.02
N TYR A 229 15.41 -27.10 29.15
CA TYR A 229 14.05 -27.50 29.53
C TYR A 229 13.55 -28.57 28.57
N PRO A 230 14.05 -29.79 28.70
CA PRO A 230 13.69 -30.83 27.72
C PRO A 230 12.24 -31.24 27.77
N GLU A 231 11.50 -30.94 28.86
CA GLU A 231 10.12 -31.36 29.03
C GLU A 231 9.10 -30.30 28.64
N VAL A 232 9.53 -29.11 28.25
CA VAL A 232 8.62 -28.05 27.84
C VAL A 232 8.34 -28.20 26.35
N ASP A 233 7.06 -28.07 25.97
CA ASP A 233 6.69 -28.09 24.55
C ASP A 233 6.93 -26.68 23.99
N TRP A 234 8.14 -26.49 23.45
CA TRP A 234 8.52 -25.16 23.01
C TRP A 234 7.83 -24.78 21.71
N GLU A 235 7.48 -25.76 20.86
CA GLU A 235 6.72 -25.42 19.65
C GLU A 235 5.35 -24.88 19.99
N ALA A 236 4.63 -25.55 20.92
CA ALA A 236 3.34 -25.05 21.38
C ALA A 236 3.51 -23.66 22.01
N ASN A 237 4.55 -23.49 22.82
CA ASN A 237 4.75 -22.18 23.43
C ASN A 237 4.96 -21.10 22.36
N ALA A 238 5.74 -21.42 21.34
CA ALA A 238 6.04 -20.43 20.31
C ALA A 238 4.79 -20.03 19.55
N ARG A 239 3.97 -21.02 19.18
CA ARG A 239 2.75 -20.72 18.44
C ARG A 239 1.78 -19.90 19.29
N GLN A 240 1.65 -20.22 20.57
CA GLN A 240 0.78 -19.44 21.47
C GLN A 240 1.31 -18.02 21.66
N PHE A 241 2.62 -17.86 21.84
CA PHE A 241 3.21 -16.54 21.92
C PHE A 241 2.91 -15.72 20.68
N ILE A 242 3.13 -16.31 19.51
CA ILE A 242 3.07 -15.54 18.27
C ILE A 242 1.63 -15.28 17.87
N GLU A 243 0.76 -16.30 17.92
CA GLU A 243 -0.63 -16.14 17.51
C GLU A 243 -1.47 -15.49 18.62
N GLY A 244 -1.29 -15.91 19.85
CA GLY A 244 -2.11 -15.43 20.95
C GLY A 244 -1.56 -14.15 21.54
N ASP A 245 -0.33 -14.16 22.05
CA ASP A 245 0.19 -12.99 22.74
C ASP A 245 0.41 -11.83 21.77
N LEU A 246 0.96 -12.11 20.57
CA LEU A 246 1.33 -11.04 19.66
C LEU A 246 0.34 -10.78 18.54
N GLY A 247 -0.58 -11.72 18.26
CA GLY A 247 -1.56 -11.50 17.19
C GLY A 247 -1.01 -11.65 15.78
N LEU A 248 0.03 -12.46 15.58
CA LEU A 248 0.64 -12.70 14.27
C LEU A 248 0.28 -14.12 13.81
N THR A 249 0.86 -14.56 12.68
CA THR A 249 0.65 -15.91 12.17
C THR A 249 1.93 -16.72 12.31
N PHE A 250 1.81 -17.94 12.78
CA PHE A 250 2.98 -18.78 13.07
C PHE A 250 3.61 -19.34 11.81
N ASN A 251 4.95 -19.29 11.74
CA ASN A 251 5.72 -19.96 10.69
C ASN A 251 6.46 -21.12 11.32
N PRO A 252 6.04 -22.37 11.10
CA PRO A 252 6.62 -23.52 11.80
C PRO A 252 7.98 -23.99 11.27
N TYR A 253 8.40 -23.59 10.08
CA TYR A 253 9.67 -24.06 9.52
C TYR A 253 10.54 -22.86 9.21
N THR A 254 11.59 -22.62 9.97
CA THR A 254 12.52 -21.56 9.59
C THR A 254 13.95 -21.99 9.91
N THR A 255 14.90 -21.20 9.41
CA THR A 255 16.31 -21.29 9.83
C THR A 255 16.53 -20.28 10.95
N GLN A 256 17.72 -19.68 11.05
CA GLN A 256 17.89 -18.57 11.99
C GLN A 256 16.91 -17.45 11.70
N ILE A 257 16.62 -17.20 10.43
CA ILE A 257 15.73 -16.11 10.04
C ILE A 257 14.35 -16.66 9.71
N GLU A 258 13.34 -15.79 9.88
CA GLU A 258 12.09 -16.02 9.18
C GLU A 258 12.37 -15.74 7.69
N PRO A 259 11.90 -16.59 6.75
CA PRO A 259 12.48 -16.55 5.39
C PRO A 259 12.06 -15.35 4.55
N HIS A 260 11.05 -14.57 4.96
CA HIS A 260 10.64 -13.30 4.34
C HIS A 260 9.74 -13.47 3.12
N ASP A 261 9.25 -14.67 2.81
CA ASP A 261 8.33 -14.79 1.69
C ASP A 261 7.11 -13.91 1.89
N TYR A 262 6.59 -13.81 3.12
CA TYR A 262 5.36 -13.02 3.30
C TYR A 262 5.63 -11.56 3.06
N ILE A 263 6.88 -11.10 3.24
CA ILE A 263 7.19 -9.70 2.93
C ILE A 263 7.12 -9.49 1.44
N ALA A 264 7.63 -10.45 0.65
CA ALA A 264 7.44 -10.41 -0.80
C ALA A 264 5.96 -10.41 -1.17
N GLU A 265 5.16 -11.24 -0.51
CA GLU A 265 3.73 -11.28 -0.82
C GLU A 265 3.08 -9.92 -0.58
N LEU A 266 3.41 -9.31 0.57
CA LEU A 266 2.80 -8.02 0.92
C LEU A 266 3.25 -6.95 -0.03
N PHE A 267 4.55 -6.90 -0.32
CA PHE A 267 5.08 -5.83 -1.16
C PHE A 267 4.63 -6.03 -2.60
N ASP A 268 4.47 -7.28 -3.04
CA ASP A 268 3.95 -7.50 -4.38
C ASP A 268 2.53 -6.96 -4.48
N ALA A 269 1.73 -7.15 -3.42
CA ALA A 269 0.34 -6.66 -3.44
C ALA A 269 0.28 -5.13 -3.40
N ILE A 270 1.12 -4.49 -2.55
CA ILE A 270 1.14 -3.02 -2.55
C ILE A 270 1.58 -2.51 -3.91
N ALA A 271 2.57 -3.18 -4.52
CA ALA A 271 3.03 -2.71 -5.83
C ALA A 271 1.93 -2.82 -6.87
N ARG A 272 1.11 -3.86 -6.80
CA ARG A 272 0.00 -3.95 -7.79
C ARG A 272 -0.99 -2.81 -7.59
N PHE A 273 -1.30 -2.45 -6.32
CA PHE A 273 -2.15 -1.26 -6.08
C PHE A 273 -1.49 -0.04 -6.68
N ASN A 274 -0.18 0.12 -6.42
CA ASN A 274 0.51 1.30 -6.91
C ASN A 274 0.51 1.37 -8.44
N THR A 275 0.62 0.22 -9.11
CA THR A 275 0.61 0.19 -10.57
C THR A 275 -0.73 0.68 -11.11
N ILE A 276 -1.84 0.26 -10.51
CA ILE A 276 -3.15 0.79 -10.87
C ILE A 276 -3.18 2.30 -10.65
N LEU A 277 -2.58 2.78 -9.55
CA LEU A 277 -2.65 4.19 -9.28
C LEU A 277 -1.75 4.98 -10.23
N ILE A 278 -0.63 4.40 -10.70
CA ILE A 278 0.14 5.05 -11.76
C ILE A 278 -0.72 5.20 -13.02
N ASP A 279 -1.38 4.12 -13.43
CA ASP A 279 -2.27 4.15 -14.59
C ASP A 279 -3.30 5.25 -14.43
N PHE A 280 -3.90 5.35 -13.24
CA PHE A 280 -4.87 6.41 -12.97
C PHE A 280 -4.23 7.79 -13.05
N ASP A 281 -3.08 7.98 -12.40
CA ASP A 281 -2.43 9.28 -12.42
C ASP A 281 -2.16 9.72 -13.86
N ARG A 282 -1.72 8.78 -14.71
CA ARG A 282 -1.43 9.10 -16.10
C ARG A 282 -2.70 9.37 -16.88
N ASP A 283 -3.73 8.55 -16.70
CA ASP A 283 -4.98 8.78 -17.45
C ASP A 283 -5.62 10.11 -17.05
N VAL A 284 -5.62 10.43 -15.76
CA VAL A 284 -6.17 11.72 -15.34
C VAL A 284 -5.32 12.88 -15.85
N TRP A 285 -3.99 12.74 -15.84
CA TRP A 285 -3.14 13.76 -16.47
C TRP A 285 -3.58 13.98 -17.93
N GLY A 286 -3.92 12.87 -18.60
CA GLY A 286 -4.43 12.95 -19.98
C GLY A 286 -5.78 13.62 -20.08
N TYR A 287 -6.73 13.27 -19.19
CA TYR A 287 -8.02 13.97 -19.19
C TYR A 287 -7.84 15.46 -18.93
N ILE A 288 -6.92 15.83 -18.04
CA ILE A 288 -6.67 17.26 -17.79
C ILE A 288 -6.02 17.91 -19.00
N SER A 289 -5.13 17.20 -19.70
CA SER A 289 -4.54 17.72 -20.92
C SER A 289 -5.60 17.96 -21.99
N LEU A 290 -6.60 17.08 -22.08
CA LEU A 290 -7.72 17.27 -23.02
C LEU A 290 -8.66 18.38 -22.61
N GLY A 291 -8.54 18.86 -21.38
CA GLY A 291 -9.44 19.86 -20.84
C GLY A 291 -10.74 19.29 -20.29
N TYR A 292 -10.85 17.97 -20.16
CA TYR A 292 -12.09 17.35 -19.66
C TYR A 292 -12.29 17.59 -18.17
N PHE A 293 -11.21 17.65 -17.41
CA PHE A 293 -11.20 18.14 -16.05
C PHE A 293 -10.43 19.45 -16.03
N LYS A 294 -10.90 20.37 -15.21
CA LYS A 294 -10.13 21.51 -14.73
C LYS A 294 -9.78 21.25 -13.27
N GLN A 295 -8.88 22.08 -12.75
CA GLN A 295 -8.39 21.88 -11.39
C GLN A 295 -8.62 23.17 -10.61
N LYS A 296 -9.18 23.02 -9.41
CA LYS A 296 -9.25 24.14 -8.49
C LYS A 296 -7.85 24.65 -8.16
N THR A 297 -7.77 25.95 -7.87
CA THR A 297 -6.55 26.63 -7.46
C THR A 297 -6.63 27.05 -6.00
N VAL A 298 -5.46 27.26 -5.41
CA VAL A 298 -5.32 27.73 -4.04
C VAL A 298 -4.81 29.16 -4.07
N ALA A 299 -5.43 30.04 -3.29
CA ALA A 299 -5.05 31.45 -3.28
C ALA A 299 -3.59 31.62 -2.94
N GLY A 300 -2.90 32.46 -3.73
CA GLY A 300 -1.51 32.77 -3.50
C GLY A 300 -0.51 31.84 -4.18
N GLU A 301 -0.93 30.63 -4.55
CA GLU A 301 0.00 29.69 -5.20
C GLU A 301 0.32 30.16 -6.61
N ILE A 302 1.49 29.77 -7.09
CA ILE A 302 2.03 30.22 -8.37
C ILE A 302 2.21 29.03 -9.28
N GLY A 303 1.52 29.03 -10.42
CA GLY A 303 1.73 28.01 -11.44
C GLY A 303 2.81 28.37 -12.44
N VAL A 311 -3.73 25.78 -15.02
CA VAL A 311 -3.40 24.96 -13.84
C VAL A 311 -2.77 23.63 -14.24
N ASN A 312 -1.63 23.31 -13.62
CA ASN A 312 -0.91 22.11 -14.00
C ASN A 312 -1.14 20.98 -12.98
N PRO A 313 -1.25 19.74 -13.43
CA PRO A 313 -1.57 18.59 -12.55
C PRO A 313 -0.37 18.05 -11.77
N ILE A 314 0.26 18.96 -11.02
CA ILE A 314 1.54 18.62 -10.39
C ILE A 314 1.35 17.61 -9.26
N ASP A 315 0.16 17.51 -8.64
CA ASP A 315 -0.02 16.50 -7.58
C ASP A 315 -0.09 15.10 -8.18
N PHE A 316 -0.77 14.94 -9.31
CA PHE A 316 -0.76 13.65 -9.99
C PHE A 316 0.65 13.29 -10.47
N GLU A 317 1.41 14.28 -10.94
CA GLU A 317 2.78 13.99 -11.40
C GLU A 317 3.68 13.60 -10.24
N ASN A 318 3.58 14.28 -9.10
CA ASN A 318 4.35 13.90 -7.92
C ASN A 318 3.98 12.49 -7.49
N SER A 319 2.68 12.17 -7.47
CA SER A 319 2.23 10.83 -7.11
C SER A 319 2.86 9.79 -8.03
N GLU A 320 2.77 10.02 -9.34
CA GLU A 320 3.28 9.04 -10.31
C GLU A 320 4.77 8.80 -10.09
N GLY A 321 5.53 9.87 -9.87
CA GLY A 321 6.97 9.71 -9.65
C GLY A 321 7.29 8.91 -8.39
N ASN A 322 6.57 9.20 -7.29
CA ASN A 322 6.84 8.48 -6.05
C ASN A 322 6.35 7.03 -6.09
N LEU A 323 5.27 6.72 -6.82
CA LEU A 323 4.85 5.30 -6.95
C LEU A 323 5.90 4.48 -7.67
N GLY A 324 6.58 5.08 -8.66
CA GLY A 324 7.63 4.36 -9.35
C GLY A 324 8.79 4.00 -8.45
N ILE A 325 9.21 4.95 -7.60
CA ILE A 325 10.29 4.69 -6.64
C ILE A 325 9.84 3.61 -5.67
N ALA A 326 8.62 3.75 -5.11
CA ALA A 326 8.10 2.75 -4.16
C ALA A 326 8.17 1.38 -4.77
N ASN A 327 7.70 1.25 -6.01
CA ASN A 327 7.63 -0.08 -6.62
C ASN A 327 9.01 -0.62 -6.92
N ALA A 328 9.97 0.26 -7.26
CA ALA A 328 11.34 -0.24 -7.45
C ALA A 328 11.89 -0.82 -6.17
N LEU A 329 11.64 -0.16 -5.04
CA LEU A 329 12.09 -0.69 -3.76
C LEU A 329 11.35 -1.96 -3.38
N PHE A 330 10.03 -1.99 -3.58
CA PHE A 330 9.26 -3.20 -3.28
C PHE A 330 9.75 -4.38 -4.10
N GLN A 331 10.06 -4.14 -5.38
CA GLN A 331 10.52 -5.23 -6.26
C GLN A 331 11.87 -5.75 -5.76
N HIS A 332 12.77 -4.84 -5.39
CA HIS A 332 14.06 -5.30 -4.93
C HIS A 332 13.91 -6.13 -3.64
N LEU A 333 13.14 -5.62 -2.68
CA LEU A 333 13.05 -6.30 -1.39
C LEU A 333 12.36 -7.65 -1.58
N ALA A 334 11.32 -7.71 -2.41
CA ALA A 334 10.66 -9.00 -2.63
C ALA A 334 11.60 -9.99 -3.30
N SER A 335 12.44 -9.55 -4.24
CA SER A 335 13.31 -10.45 -4.97
CA SER A 335 13.31 -10.45 -4.97
C SER A 335 14.51 -10.89 -4.16
N LYS A 336 15.01 -10.04 -3.29
CA LYS A 336 16.27 -10.29 -2.63
C LYS A 336 16.11 -10.85 -1.22
N LEU A 337 15.15 -10.35 -0.46
CA LEU A 337 15.02 -10.80 0.93
C LEU A 337 14.89 -12.32 1.06
N PRO A 338 14.13 -13.05 0.24
CA PRO A 338 13.92 -14.48 0.50
C PRO A 338 15.07 -15.37 0.05
N ILE A 339 16.17 -14.80 -0.39
CA ILE A 339 17.37 -15.60 -0.68
C ILE A 339 18.38 -15.33 0.43
N SER A 340 18.79 -16.38 1.16
CA SER A 340 19.73 -16.18 2.25
C SER A 340 20.62 -17.41 2.32
N ARG A 341 21.93 -17.22 2.45
CA ARG A 341 22.86 -18.35 2.34
C ARG A 341 22.75 -19.29 3.54
N TRP A 342 22.48 -20.58 3.26
CA TRP A 342 22.43 -21.65 4.29
C TRP A 342 21.50 -21.20 5.41
N GLN A 343 21.92 -21.24 6.68
CA GLN A 343 20.99 -21.00 7.77
C GLN A 343 20.84 -19.51 8.08
N ARG A 344 21.56 -18.67 7.33
CA ARG A 344 21.26 -17.28 6.95
C ARG A 344 22.56 -16.53 6.71
N ASP A 345 22.49 -15.52 5.85
CA ASP A 345 23.48 -14.45 5.83
C ASP A 345 22.82 -13.17 6.32
N LEU A 346 23.66 -12.19 6.70
CA LEU A 346 23.15 -10.98 7.33
C LEU A 346 22.85 -9.86 6.34
N THR A 347 22.85 -10.14 5.03
CA THR A 347 22.53 -9.05 4.08
C THR A 347 21.10 -8.56 4.22
N ASP A 348 20.21 -9.37 4.80
CA ASP A 348 18.84 -8.91 4.96
C ASP A 348 18.69 -7.84 6.03
N SER A 349 19.56 -7.81 7.04
CA SER A 349 19.37 -6.85 8.14
C SER A 349 19.36 -5.43 7.64
N THR A 350 20.39 -5.04 6.89
CA THR A 350 20.40 -3.65 6.45
C THR A 350 19.25 -3.38 5.49
N VAL A 351 18.90 -4.36 4.67
CA VAL A 351 17.83 -4.16 3.71
C VAL A 351 16.51 -3.95 4.45
N LEU A 352 16.27 -4.72 5.53
CA LEU A 352 15.03 -4.59 6.28
C LEU A 352 14.89 -3.27 6.99
N ARG A 353 15.98 -2.49 7.13
CA ARG A 353 15.87 -1.12 7.64
C ARG A 353 15.14 -0.20 6.66
N ASN A 354 14.88 -0.68 5.44
CA ASN A 354 14.19 0.07 4.41
C ASN A 354 12.75 -0.42 4.22
N LEU A 355 12.23 -1.25 5.13
CA LEU A 355 10.81 -1.65 5.04
C LEU A 355 9.91 -0.44 4.95
N GLY A 356 10.22 0.61 5.70
CA GLY A 356 9.38 1.78 5.72
C GLY A 356 9.57 2.70 4.53
N VAL A 357 10.61 2.53 3.72
CA VAL A 357 10.93 3.51 2.69
C VAL A 357 10.01 3.34 1.50
N GLY A 358 9.79 2.11 1.03
CA GLY A 358 8.79 1.91 0.00
C GLY A 358 7.40 2.31 0.45
N ILE A 359 7.07 2.01 1.71
CA ILE A 359 5.78 2.46 2.26
C ILE A 359 5.72 3.98 2.31
N ALA A 360 6.83 4.63 2.69
CA ALA A 360 6.85 6.10 2.69
C ALA A 360 6.60 6.68 1.30
N HIS A 361 7.30 6.19 0.27
CA HIS A 361 7.03 6.73 -1.05
C HIS A 361 5.61 6.46 -1.49
N SER A 362 5.04 5.33 -1.07
CA SER A 362 3.64 5.06 -1.37
C SER A 362 2.71 6.06 -0.73
N ILE A 363 2.88 6.33 0.58
CA ILE A 363 1.91 7.24 1.21
C ILE A 363 2.14 8.66 0.79
N ILE A 364 3.37 9.07 0.45
CA ILE A 364 3.54 10.37 -0.20
C ILE A 364 2.70 10.44 -1.47
N ALA A 365 2.81 9.41 -2.31
CA ALA A 365 2.01 9.41 -3.53
C ALA A 365 0.52 9.39 -3.25
N TYR A 366 0.08 8.63 -2.24
CA TYR A 366 -1.35 8.54 -1.99
C TYR A 366 -1.90 9.90 -1.56
N GLU A 367 -1.17 10.61 -0.66
CA GLU A 367 -1.60 11.96 -0.28
C GLU A 367 -1.65 12.88 -1.49
N ALA A 368 -0.66 12.77 -2.39
CA ALA A 368 -0.63 13.62 -3.58
C ALA A 368 -1.80 13.31 -4.50
N SER A 369 -2.08 12.01 -4.71
CA SER A 369 -3.23 11.65 -5.55
C SER A 369 -4.53 12.14 -4.91
N LEU A 370 -4.68 11.99 -3.58
CA LEU A 370 -5.89 12.53 -2.96
C LEU A 370 -6.02 14.04 -3.14
N LYS A 371 -4.91 14.77 -3.01
CA LYS A 371 -4.95 16.21 -3.24
C LYS A 371 -5.37 16.52 -4.67
N GLY A 372 -4.78 15.82 -5.64
CA GLY A 372 -5.17 16.05 -7.02
C GLY A 372 -6.64 15.73 -7.28
N ILE A 373 -7.14 14.62 -6.71
CA ILE A 373 -8.54 14.22 -6.92
C ILE A 373 -9.46 15.30 -6.37
N GLY A 374 -9.12 15.86 -5.21
CA GLY A 374 -9.97 16.86 -4.58
C GLY A 374 -10.09 18.14 -5.37
N LYS A 375 -9.14 18.40 -6.27
CA LYS A 375 -9.17 19.58 -7.11
C LYS A 375 -9.96 19.39 -8.39
N LEU A 376 -10.37 18.18 -8.73
CA LEU A 376 -10.93 17.93 -10.06
C LEU A 376 -12.33 18.53 -10.18
N GLU A 377 -12.57 19.27 -11.26
CA GLU A 377 -13.92 19.73 -11.59
CA GLU A 377 -13.92 19.73 -11.59
C GLU A 377 -14.18 19.49 -13.07
N LEU A 378 -15.40 19.12 -13.37
CA LEU A 378 -15.81 18.82 -14.74
C LEU A 378 -15.72 20.06 -15.61
N ASN A 379 -15.29 19.85 -16.85
CA ASN A 379 -15.43 20.85 -17.91
C ASN A 379 -16.33 20.24 -18.98
N ALA A 380 -17.64 20.31 -18.73
CA ALA A 380 -18.58 19.64 -19.61
C ALA A 380 -18.52 20.20 -21.03
N GLN A 381 -18.18 21.48 -21.22
CA GLN A 381 -18.16 22.01 -22.58
C GLN A 381 -17.13 21.28 -23.47
N ARG A 382 -15.93 21.02 -22.95
CA ARG A 382 -14.91 20.35 -23.75
C ARG A 382 -15.27 18.90 -24.04
N ILE A 383 -15.82 18.20 -23.04
CA ILE A 383 -16.22 16.82 -23.26
C ILE A 383 -17.27 16.75 -24.36
N ALA A 384 -18.27 17.60 -24.26
CA ALA A 384 -19.33 17.59 -25.27
C ALA A 384 -18.81 18.02 -26.63
N GLU A 385 -17.86 18.96 -26.68
CA GLU A 385 -17.31 19.41 -27.96
C GLU A 385 -16.75 18.23 -28.75
N ASP A 386 -15.96 17.38 -28.10
CA ASP A 386 -15.34 16.28 -28.82
C ASP A 386 -16.36 15.25 -29.26
N LEU A 387 -17.34 14.95 -28.40
CA LEU A 387 -18.39 13.98 -28.71
C LEU A 387 -19.24 14.40 -29.90
N ASP A 388 -19.74 15.63 -29.87
CA ASP A 388 -20.62 16.10 -30.95
C ASP A 388 -19.86 16.27 -32.27
N ALA A 389 -18.53 16.29 -32.23
CA ALA A 389 -17.71 16.33 -33.45
C ALA A 389 -17.32 14.94 -33.93
N CYS A 390 -17.95 13.88 -33.41
CA CYS A 390 -17.56 12.52 -33.72
CA CYS A 390 -17.55 12.51 -33.74
C CYS A 390 -18.78 11.64 -34.03
N TRP A 391 -19.56 12.05 -35.02
CA TRP A 391 -20.67 11.20 -35.46
C TRP A 391 -20.19 9.87 -36.03
N GLU A 392 -18.89 9.78 -36.36
CA GLU A 392 -18.34 8.52 -36.87
C GLU A 392 -18.51 7.37 -35.88
N VAL A 393 -18.66 7.63 -34.58
CA VAL A 393 -18.87 6.52 -33.65
C VAL A 393 -20.19 5.78 -33.86
N LEU A 394 -21.10 6.33 -34.64
CA LEU A 394 -22.40 5.70 -34.82
C LEU A 394 -22.41 4.71 -35.99
N ALA A 395 -21.30 4.54 -36.71
CA ALA A 395 -21.23 3.50 -37.74
C ALA A 395 -21.37 2.12 -37.10
N GLU A 396 -20.72 1.92 -35.95
CA GLU A 396 -20.76 0.61 -35.29
C GLU A 396 -22.18 0.15 -34.95
N PRO A 397 -23.02 0.94 -34.25
CA PRO A 397 -24.37 0.44 -33.97
C PRO A 397 -25.20 0.25 -35.24
N VAL A 398 -25.07 1.15 -36.22
CA VAL A 398 -25.80 0.95 -37.49
C VAL A 398 -25.41 -0.40 -38.11
N GLN A 399 -24.11 -0.68 -38.14
CA GLN A 399 -23.61 -1.93 -38.70
C GLN A 399 -24.13 -3.15 -37.93
N THR A 400 -24.17 -3.06 -36.60
CA THR A 400 -24.63 -4.18 -35.79
C THR A 400 -26.12 -4.46 -36.01
N VAL A 401 -26.93 -3.41 -36.10
CA VAL A 401 -28.35 -3.58 -36.40
C VAL A 401 -28.53 -4.16 -37.80
N MET A 402 -27.75 -3.68 -38.76
CA MET A 402 -27.82 -4.25 -40.11
C MET A 402 -27.49 -5.75 -40.09
N ARG A 403 -26.49 -6.15 -39.29
CA ARG A 403 -26.17 -7.57 -39.18
C ARG A 403 -27.30 -8.36 -38.54
N ARG A 404 -27.90 -7.83 -37.47
CA ARG A 404 -29.02 -8.53 -36.84
C ARG A 404 -30.09 -8.88 -37.86
N TYR A 405 -30.41 -7.95 -38.75
CA TYR A 405 -31.55 -8.12 -39.65
C TYR A 405 -31.14 -8.57 -41.05
N GLY A 406 -29.88 -8.94 -41.25
CA GLY A 406 -29.44 -9.54 -42.51
C GLY A 406 -29.42 -8.61 -43.70
N VAL A 407 -29.14 -7.33 -43.48
CA VAL A 407 -29.14 -6.36 -44.58
C VAL A 407 -28.14 -6.77 -45.63
N GLU A 408 -28.59 -6.80 -46.88
CA GLU A 408 -27.77 -7.28 -47.99
C GLU A 408 -26.65 -6.29 -48.29
N ASN A 409 -25.54 -6.83 -48.82
CA ASN A 409 -24.33 -6.07 -49.17
C ASN A 409 -23.98 -5.03 -48.10
N PRO A 410 -23.83 -5.44 -46.85
CA PRO A 410 -23.65 -4.45 -45.78
C PRO A 410 -22.37 -3.65 -45.89
N TYR A 411 -21.28 -4.25 -46.35
CA TYR A 411 -20.03 -3.51 -46.46
C TYR A 411 -20.19 -2.34 -47.42
N GLU A 412 -20.66 -2.61 -48.64
CA GLU A 412 -20.93 -1.55 -49.60
C GLU A 412 -22.00 -0.58 -49.09
N LYS A 413 -23.03 -1.12 -48.44
CA LYS A 413 -24.14 -0.27 -48.00
C LYS A 413 -23.68 0.72 -46.94
N LEU A 414 -22.97 0.22 -45.92
CA LEU A 414 -22.49 1.11 -44.87
C LEU A 414 -21.49 2.13 -45.42
N LYS A 415 -20.72 1.74 -46.44
CA LYS A 415 -19.79 2.69 -47.05
C LYS A 415 -20.50 3.87 -47.71
N GLU A 416 -21.77 3.70 -48.12
CA GLU A 416 -22.52 4.83 -48.66
C GLU A 416 -22.68 5.93 -47.62
N LEU A 417 -22.74 5.55 -46.34
CA LEU A 417 -22.92 6.51 -45.26
C LEU A 417 -21.61 7.13 -44.80
N THR A 418 -20.55 6.33 -44.70
CA THR A 418 -19.31 6.78 -44.07
C THR A 418 -18.36 7.51 -45.02
N ARG A 419 -18.70 7.64 -46.30
CA ARG A 419 -17.88 8.43 -47.22
C ARG A 419 -18.14 9.93 -47.05
N GLY A 422 -19.46 12.65 -44.21
CA GLY A 422 -19.71 11.30 -43.78
C GLY A 422 -20.97 11.21 -42.94
N ILE A 423 -20.87 10.63 -41.75
CA ILE A 423 -22.04 10.52 -40.89
C ILE A 423 -22.34 11.87 -40.26
N SER A 424 -23.63 12.18 -40.18
CA SER A 424 -24.13 13.37 -39.53
C SER A 424 -25.52 13.03 -39.05
N ALA A 425 -26.09 13.90 -38.21
CA ALA A 425 -27.46 13.66 -37.78
C ALA A 425 -28.37 13.50 -38.99
N GLU A 426 -28.26 14.41 -39.98
CA GLU A 426 -29.17 14.38 -41.11
C GLU A 426 -28.91 13.19 -42.02
N ALA A 427 -27.64 12.91 -42.31
CA ALA A 427 -27.34 11.78 -43.19
C ALA A 427 -27.76 10.47 -42.56
N LEU A 428 -27.71 10.38 -41.22
CA LEU A 428 -28.17 9.16 -40.56
C LEU A 428 -29.68 9.00 -40.69
N GLN A 429 -30.44 10.07 -40.49
CA GLN A 429 -31.88 9.98 -40.63
C GLN A 429 -32.24 9.44 -42.01
N THR A 430 -31.57 9.97 -43.04
CA THR A 430 -31.85 9.55 -44.42
C THR A 430 -31.44 8.10 -44.65
N PHE A 431 -30.26 7.73 -44.17
CA PHE A 431 -29.75 6.39 -44.41
C PHE A 431 -30.61 5.34 -43.73
N ILE A 432 -31.07 5.62 -42.51
CA ILE A 432 -31.84 4.64 -41.75
C ILE A 432 -33.10 4.24 -42.50
N GLU A 433 -33.74 5.22 -43.14
CA GLU A 433 -34.99 4.95 -43.85
C GLU A 433 -34.76 4.07 -45.08
N GLU A 434 -33.53 3.99 -45.58
CA GLU A 434 -33.19 3.12 -46.71
C GLU A 434 -33.12 1.65 -46.33
N LEU A 435 -32.96 1.33 -45.05
CA LEU A 435 -32.60 -0.02 -44.63
C LEU A 435 -33.80 -0.94 -44.53
N ALA A 436 -33.62 -2.18 -44.99
CA ALA A 436 -34.66 -3.19 -44.86
C ALA A 436 -34.63 -3.77 -43.44
N ILE A 437 -35.05 -2.95 -42.49
CA ILE A 437 -35.09 -3.35 -41.08
C ILE A 437 -36.48 -2.96 -40.55
N PRO A 438 -36.91 -3.55 -39.45
CA PRO A 438 -38.26 -3.24 -38.93
C PRO A 438 -38.34 -1.81 -38.40
N ALA A 439 -39.58 -1.34 -38.30
CA ALA A 439 -39.85 0.02 -37.87
C ALA A 439 -39.28 0.31 -36.48
N GLU A 440 -39.35 -0.66 -35.55
CA GLU A 440 -38.83 -0.40 -34.20
C GLU A 440 -37.32 -0.28 -34.20
N ALA A 441 -36.65 -0.98 -35.10
CA ALA A 441 -35.21 -0.81 -35.25
C ALA A 441 -34.88 0.59 -35.78
N LYS A 442 -35.66 1.10 -36.73
CA LYS A 442 -35.42 2.47 -37.20
C LYS A 442 -35.66 3.50 -36.10
N VAL A 443 -36.72 3.31 -35.30
CA VAL A 443 -37.02 4.28 -34.24
C VAL A 443 -35.82 4.46 -33.33
N GLU A 444 -35.18 3.34 -32.95
CA GLU A 444 -34.05 3.44 -32.04
C GLU A 444 -32.80 3.99 -32.71
N LEU A 445 -32.52 3.60 -33.96
CA LEU A 445 -31.35 4.17 -34.63
C LEU A 445 -31.50 5.67 -34.84
N LYS A 446 -32.72 6.12 -35.15
CA LYS A 446 -32.93 7.55 -35.40
C LYS A 446 -32.75 8.39 -34.15
N LYS A 447 -32.86 7.80 -32.96
CA LYS A 447 -32.62 8.51 -31.72
C LYS A 447 -31.14 8.67 -31.42
N LEU A 448 -30.30 7.86 -32.04
CA LEU A 448 -28.89 7.84 -31.67
C LEU A 448 -28.23 9.19 -31.91
N THR A 449 -27.40 9.57 -30.97
CA THR A 449 -26.47 10.68 -31.07
C THR A 449 -25.18 10.14 -30.48
N PRO A 450 -24.05 10.75 -30.81
CA PRO A 450 -22.79 10.30 -30.18
C PRO A 450 -22.90 10.29 -28.66
N ALA A 451 -23.44 11.36 -28.06
CA ALA A 451 -23.49 11.40 -26.61
C ALA A 451 -24.46 10.37 -26.03
N GLY A 452 -25.47 9.95 -26.81
CA GLY A 452 -26.35 8.89 -26.32
C GLY A 452 -25.84 7.47 -26.46
N TYR A 453 -24.76 7.25 -27.22
CA TYR A 453 -24.30 5.91 -27.53
C TYR A 453 -23.26 5.46 -26.50
N VAL A 454 -23.74 5.25 -25.27
CA VAL A 454 -22.86 4.91 -24.14
C VAL A 454 -23.15 3.53 -23.58
N GLY A 455 -24.00 2.73 -24.21
CA GLY A 455 -24.23 1.42 -23.63
C GLY A 455 -24.81 1.56 -22.24
N ASN A 456 -24.37 0.66 -21.35
CA ASN A 456 -24.85 0.71 -19.97
C ASN A 456 -23.78 1.27 -19.03
N ALA A 457 -22.90 2.13 -19.57
CA ALA A 457 -21.83 2.72 -18.76
C ALA A 457 -22.38 3.33 -17.48
N ALA A 458 -23.50 4.05 -17.57
CA ALA A 458 -23.95 4.80 -16.40
C ALA A 458 -24.43 3.87 -15.28
N ALA A 459 -25.14 2.81 -15.66
CA ALA A 459 -25.63 1.88 -14.65
C ALA A 459 -24.47 1.13 -14.01
N GLN A 460 -23.49 0.72 -14.81
CA GLN A 460 -22.31 0.12 -14.21
C GLN A 460 -21.63 1.09 -13.27
N ALA A 461 -21.50 2.35 -13.70
CA ALA A 461 -20.78 3.32 -12.86
C ALA A 461 -21.50 3.55 -11.54
N LYS A 462 -22.84 3.66 -11.58
CA LYS A 462 -23.57 4.01 -10.36
C LYS A 462 -23.48 2.94 -9.27
N ARG A 463 -23.26 1.68 -9.64
CA ARG A 463 -23.25 0.65 -8.61
C ARG A 463 -21.85 0.25 -8.16
N ILE A 464 -20.85 1.02 -8.52
CA ILE A 464 -19.48 0.67 -8.11
C ILE A 464 -19.31 0.62 -6.62
#